data_9EVM
#
_entry.id   9EVM
#
_cell.length_a   104.56
_cell.length_b   104.56
_cell.length_c   64.66
_cell.angle_alpha   90
_cell.angle_beta   90
_cell.angle_gamma   120
#
_symmetry.space_group_name_H-M   'P 63'
#
loop_
_entity.id
_entity.type
_entity.pdbx_description
1 polymer 'Copper-containing nitrite reductase'
2 branched beta-D-fructofuranose-(2-1)-alpha-D-glucopyranose
3 non-polymer 'COPPER (II) ION'
4 non-polymer 'NITRITE ION'
5 non-polymer 'SULFATE ION'
6 water water
#
_entity_poly.entity_id   1
_entity_poly.type   'polypeptide(L)'
_entity_poly.pdbx_seq_one_letter_code
;MLPMFTRRAALISAAATALMLATPALAADDLKLPRQKVELVAPPFVHAHEQATKQGPKIVEFKLTIEEKKVVIDEKGTTF
QAMTFNGSMPGPLMVVHEGDYVETTLVNPATNTMPHNIDFHSATGALGGGALTLINPGEQVVLRWKATKTGVFVYHCAPG
GPMIPWHVVSGMNGAVMVLPRDGLNDGKGHALKYDKVYYVGEQDMYVPRDEKGNFKSYDSPGEAFTDTEEMMKKLIPSHV
VFNGKVGALTGKNALTANVGENVLIVHSQANRDSRPHLIGGHGDYVWETGKFGNAPEVGLETWFIRGGSAGAAMYKFMQP
GIYAYVTHNLIEAADLGATAHFKVEGKWNDDLMTQVKAPAEIPANTN
;
_entity_poly.pdbx_strand_id   A
#
loop_
_chem_comp.id
_chem_comp.type
_chem_comp.name
_chem_comp.formula
CU non-polymer 'COPPER (II) ION' 'Cu 2'
FRU D-saccharide, beta linking beta-D-fructofuranose 'C6 H12 O6'
GLC D-saccharide, alpha linking alpha-D-glucopyranose 'C6 H12 O6'
NO2 non-polymer 'NITRITE ION' 'N O2 -1'
SO4 non-polymer 'SULFATE ION' 'O4 S -2'
#
# COMPACT_ATOMS: atom_id res chain seq x y z
N ASP A 30 3.94 -33.34 -8.59
CA ASP A 30 4.80 -32.66 -9.60
C ASP A 30 5.76 -31.72 -8.88
N LEU A 31 5.25 -30.55 -8.44
CA LEU A 31 5.98 -29.70 -7.51
C LEU A 31 5.59 -30.15 -6.10
N LYS A 32 6.53 -30.84 -5.43
CA LYS A 32 6.28 -31.52 -4.17
C LYS A 32 6.97 -30.75 -3.04
N LEU A 33 6.29 -29.69 -2.57
CA LEU A 33 6.76 -28.88 -1.46
C LEU A 33 5.67 -28.83 -0.39
N PRO A 34 6.00 -28.50 0.86
CA PRO A 34 4.97 -28.25 1.88
C PRO A 34 4.13 -27.01 1.53
N ARG A 35 2.84 -27.08 1.90
CA ARG A 35 1.88 -26.00 1.66
C ARG A 35 1.58 -25.28 2.97
N GLN A 36 1.44 -23.95 2.90
CA GLN A 36 1.10 -23.13 4.05
C GLN A 36 0.01 -22.13 3.63
N LYS A 37 -1.11 -22.15 4.35
CA LYS A 37 -2.17 -21.18 4.16
C LYS A 37 -1.86 -19.91 4.96
N VAL A 38 -2.24 -18.75 4.39
CA VAL A 38 -2.13 -17.46 5.06
C VAL A 38 -3.52 -16.84 5.17
N GLU A 39 -3.88 -16.33 6.36
CA GLU A 39 -5.08 -15.51 6.51
C GLU A 39 -4.70 -14.03 6.37
N LEU A 40 -5.16 -13.42 5.27
CA LEU A 40 -4.86 -12.05 4.96
C LEU A 40 -5.60 -11.15 5.93
N VAL A 41 -4.98 -10.03 6.28
CA VAL A 41 -5.63 -9.03 7.13
C VAL A 41 -5.71 -7.72 6.35
N ALA A 42 -6.68 -6.89 6.71
CA ALA A 42 -6.93 -5.64 6.02
C ALA A 42 -5.82 -4.64 6.35
N PRO A 43 -5.36 -3.85 5.35
CA PRO A 43 -4.42 -2.76 5.61
CA PRO A 43 -4.41 -2.76 5.62
C PRO A 43 -4.99 -1.76 6.61
N PRO A 44 -4.17 -1.04 7.37
CA PRO A 44 -2.71 -1.06 7.22
CA PRO A 44 -2.71 -1.07 7.20
C PRO A 44 -1.92 -2.16 7.92
N PHE A 45 -2.64 -3.09 8.56
CA PHE A 45 -2.00 -4.21 9.23
C PHE A 45 -1.50 -5.20 8.20
N VAL A 46 -0.57 -6.06 8.63
CA VAL A 46 0.01 -7.09 7.80
C VAL A 46 -0.07 -8.43 8.53
N HIS A 47 -0.42 -9.50 7.81
CA HIS A 47 -0.47 -10.82 8.42
C HIS A 47 0.87 -11.22 9.04
N ALA A 48 0.78 -12.03 10.07
CA ALA A 48 1.95 -12.49 10.79
C ALA A 48 2.87 -13.28 9.88
N HIS A 49 4.17 -13.06 10.06
CA HIS A 49 5.20 -13.67 9.24
C HIS A 49 6.51 -13.60 10.02
N GLU A 50 7.47 -14.42 9.63
CA GLU A 50 8.82 -14.34 10.17
C GLU A 50 9.64 -13.43 9.24
N GLN A 51 10.66 -12.77 9.80
CA GLN A 51 11.63 -12.04 9.00
C GLN A 51 12.70 -13.02 8.55
N ALA A 52 13.73 -13.23 9.35
CA ALA A 52 14.67 -14.30 9.07
C ALA A 52 13.99 -15.62 9.45
N THR A 53 14.21 -16.66 8.63
CA THR A 53 13.53 -17.95 8.76
C THR A 53 14.49 -19.08 8.45
N LYS A 54 14.32 -20.22 9.15
CA LYS A 54 15.04 -21.45 8.83
C LYS A 54 14.18 -22.37 7.97
N GLN A 55 12.93 -21.98 7.69
CA GLN A 55 12.14 -22.73 6.74
C GLN A 55 12.82 -22.70 5.36
N GLY A 56 12.64 -23.79 4.62
CA GLY A 56 12.96 -23.78 3.22
C GLY A 56 11.74 -23.34 2.41
N PRO A 57 11.85 -23.32 1.06
CA PRO A 57 10.72 -23.00 0.20
C PRO A 57 9.46 -23.81 0.47
N LYS A 58 8.34 -23.10 0.39
CA LYS A 58 7.01 -23.64 0.55
CA LYS A 58 7.03 -23.71 0.49
C LYS A 58 6.13 -23.09 -0.57
N ILE A 59 5.00 -23.75 -0.80
CA ILE A 59 3.90 -23.16 -1.53
C ILE A 59 3.05 -22.41 -0.53
N VAL A 60 2.94 -21.08 -0.72
CA VAL A 60 2.20 -20.26 0.19
C VAL A 60 0.88 -19.93 -0.52
N GLU A 61 -0.25 -20.19 0.15
CA GLU A 61 -1.57 -20.15 -0.48
CA GLU A 61 -1.55 -20.14 -0.47
C GLU A 61 -2.33 -18.92 0.02
N PHE A 62 -2.84 -18.14 -0.93
CA PHE A 62 -3.60 -16.95 -0.62
C PHE A 62 -4.89 -16.93 -1.45
N LYS A 63 -5.92 -16.27 -0.93
CA LYS A 63 -7.17 -16.14 -1.67
CA LYS A 63 -7.21 -16.14 -1.61
C LYS A 63 -7.58 -14.67 -1.69
N LEU A 64 -7.92 -14.19 -2.88
CA LEU A 64 -8.42 -12.83 -3.05
C LEU A 64 -9.80 -12.90 -3.72
N THR A 65 -10.76 -12.17 -3.17
CA THR A 65 -12.10 -12.14 -3.70
C THR A 65 -12.39 -10.71 -4.12
N ILE A 66 -12.83 -10.53 -5.35
CA ILE A 66 -13.04 -9.18 -5.86
C ILE A 66 -14.38 -8.66 -5.38
N GLU A 67 -14.41 -7.39 -4.96
CA GLU A 67 -15.66 -6.75 -4.59
C GLU A 67 -15.76 -5.39 -5.25
N GLU A 68 -16.81 -5.19 -6.06
CA GLU A 68 -17.16 -3.89 -6.59
C GLU A 68 -18.17 -3.25 -5.64
N LYS A 69 -17.98 -2.00 -5.21
CA LYS A 69 -18.89 -1.39 -4.26
C LYS A 69 -18.79 0.12 -4.28
N LYS A 70 -19.90 0.78 -4.00
CA LYS A 70 -19.95 2.21 -3.80
C LYS A 70 -19.51 2.54 -2.38
N VAL A 71 -18.50 3.40 -2.25
CA VAL A 71 -17.96 3.76 -0.94
C VAL A 71 -17.94 5.27 -0.79
N VAL A 72 -17.81 5.70 0.47
CA VAL A 72 -17.60 7.10 0.85
C VAL A 72 -16.12 7.37 1.03
N ILE A 73 -15.60 8.44 0.37
CA ILE A 73 -14.16 8.66 0.35
C ILE A 73 -13.74 9.93 1.08
N ASP A 74 -14.69 10.75 1.53
CA ASP A 74 -14.32 11.95 2.26
C ASP A 74 -15.33 12.30 3.36
N GLU A 75 -14.99 13.31 4.18
CA GLU A 75 -15.79 13.67 5.35
C GLU A 75 -17.01 14.49 4.96
N LYS A 76 -17.13 14.91 3.70
CA LYS A 76 -18.32 15.57 3.20
C LYS A 76 -19.33 14.60 2.60
N GLY A 77 -18.99 13.31 2.54
CA GLY A 77 -19.92 12.32 2.05
C GLY A 77 -19.82 12.03 0.56
N THR A 78 -18.77 12.50 -0.14
CA THR A 78 -18.57 12.13 -1.53
C THR A 78 -18.51 10.61 -1.68
N THR A 79 -19.18 10.08 -2.69
CA THR A 79 -19.19 8.66 -2.98
C THR A 79 -18.33 8.38 -4.23
N PHE A 80 -18.03 7.12 -4.40
CA PHE A 80 -17.09 6.64 -5.40
C PHE A 80 -17.38 5.19 -5.72
N GLN A 81 -17.33 4.84 -7.01
CA GLN A 81 -17.54 3.47 -7.43
C GLN A 81 -16.19 2.79 -7.32
N ALA A 82 -15.99 1.99 -6.27
CA ALA A 82 -14.72 1.34 -6.03
C ALA A 82 -14.76 -0.10 -6.56
N MET A 83 -13.59 -0.58 -6.97
CA MET A 83 -13.36 -1.97 -7.33
CA MET A 83 -13.39 -1.99 -7.30
C MET A 83 -12.14 -2.40 -6.54
N THR A 84 -12.23 -3.51 -5.79
CA THR A 84 -11.25 -3.86 -4.77
C THR A 84 -10.93 -5.34 -4.79
N PHE A 85 -9.73 -5.65 -4.28
CA PHE A 85 -9.37 -6.99 -3.88
C PHE A 85 -9.68 -7.12 -2.39
N ASN A 86 -10.50 -8.11 -2.04
CA ASN A 86 -10.84 -8.37 -0.65
C ASN A 86 -11.56 -7.21 0.04
N GLY A 87 -12.14 -6.30 -0.73
CA GLY A 87 -13.07 -5.31 -0.19
C GLY A 87 -12.39 -4.07 0.38
N SER A 88 -11.06 -3.94 0.23
CA SER A 88 -10.28 -2.85 0.81
C SER A 88 -9.49 -2.15 -0.29
N MET A 89 -9.20 -0.88 -0.07
CA MET A 89 -8.23 -0.13 -0.85
C MET A 89 -7.13 0.33 0.11
N PRO A 90 -5.86 -0.07 -0.05
CA PRO A 90 -5.40 -1.03 -1.07
C PRO A 90 -5.83 -2.44 -0.71
N GLY A 91 -5.61 -3.35 -1.64
CA GLY A 91 -5.65 -4.75 -1.32
C GLY A 91 -4.63 -5.07 -0.23
N PRO A 92 -4.82 -6.23 0.41
CA PRO A 92 -3.94 -6.64 1.49
C PRO A 92 -2.52 -6.96 1.01
N LEU A 93 -1.60 -6.77 1.94
CA LEU A 93 -0.20 -7.08 1.71
C LEU A 93 0.03 -8.58 1.88
N MET A 94 0.66 -9.19 0.89
CA MET A 94 1.05 -10.59 0.96
CA MET A 94 1.06 -10.58 0.93
C MET A 94 2.54 -10.66 1.25
N VAL A 95 2.92 -11.48 2.23
CA VAL A 95 4.31 -11.56 2.63
C VAL A 95 4.83 -12.99 2.48
N VAL A 96 5.93 -13.14 1.73
CA VAL A 96 6.58 -14.43 1.51
C VAL A 96 8.08 -14.24 1.53
N HIS A 97 8.82 -15.33 1.35
CA HIS A 97 10.26 -15.26 1.31
C HIS A 97 10.76 -15.68 -0.06
N GLU A 98 11.99 -15.26 -0.35
CA GLU A 98 12.65 -15.56 -1.62
C GLU A 98 12.67 -17.07 -1.83
N GLY A 99 12.21 -17.54 -3.00
CA GLY A 99 12.24 -18.96 -3.35
C GLY A 99 10.91 -19.66 -3.07
N ASP A 100 10.00 -18.99 -2.37
CA ASP A 100 8.67 -19.54 -2.17
C ASP A 100 7.93 -19.52 -3.49
N TYR A 101 6.89 -20.32 -3.54
CA TYR A 101 5.94 -20.34 -4.63
C TYR A 101 4.65 -19.77 -4.07
N VAL A 102 4.11 -18.74 -4.73
CA VAL A 102 2.92 -18.08 -4.28
C VAL A 102 1.76 -18.58 -5.12
N GLU A 103 0.79 -19.22 -4.47
CA GLU A 103 -0.34 -19.73 -5.18
C GLU A 103 -1.58 -18.94 -4.76
N THR A 104 -2.16 -18.20 -5.70
CA THR A 104 -3.27 -17.32 -5.40
C THR A 104 -4.53 -17.86 -6.06
N THR A 105 -5.62 -17.98 -5.28
CA THR A 105 -6.93 -18.20 -5.85
C THR A 105 -7.60 -16.84 -5.96
N LEU A 106 -7.91 -16.42 -7.18
CA LEU A 106 -8.67 -15.23 -7.44
C LEU A 106 -10.10 -15.60 -7.76
N VAL A 107 -11.03 -14.91 -7.11
CA VAL A 107 -12.46 -15.18 -7.18
C VAL A 107 -13.17 -13.90 -7.57
N ASN A 108 -14.02 -14.00 -8.60
CA ASN A 108 -14.83 -12.92 -9.10
C ASN A 108 -16.29 -13.35 -8.96
N PRO A 109 -16.96 -13.11 -7.81
CA PRO A 109 -18.33 -13.58 -7.61
C PRO A 109 -19.31 -13.03 -8.64
N ALA A 110 -20.44 -13.71 -8.79
CA ALA A 110 -21.47 -13.39 -9.76
C ALA A 110 -22.17 -12.06 -9.45
N THR A 111 -22.04 -11.57 -8.23
CA THR A 111 -22.54 -10.25 -7.85
C THR A 111 -21.73 -9.09 -8.49
N ASN A 112 -20.53 -9.33 -9.04
CA ASN A 112 -19.80 -8.28 -9.75
C ASN A 112 -20.31 -8.18 -11.19
N THR A 113 -19.98 -7.09 -11.90
CA THR A 113 -20.47 -6.85 -13.25
C THR A 113 -19.38 -6.94 -14.31
N MET A 114 -18.08 -6.93 -13.95
CA MET A 114 -17.04 -6.88 -14.96
CA MET A 114 -17.02 -6.83 -14.94
C MET A 114 -16.08 -8.03 -14.83
N PRO A 115 -15.35 -8.36 -15.92
CA PRO A 115 -14.22 -9.27 -15.83
CA PRO A 115 -14.21 -9.26 -15.84
C PRO A 115 -13.08 -8.57 -15.10
N HIS A 116 -12.22 -9.37 -14.45
CA HIS A 116 -11.10 -8.88 -13.66
C HIS A 116 -9.98 -9.87 -13.85
N ASN A 117 -8.75 -9.45 -13.51
CA ASN A 117 -7.62 -10.36 -13.44
C ASN A 117 -6.62 -9.85 -12.40
N ILE A 118 -5.42 -10.45 -12.35
CA ILE A 118 -4.40 -9.94 -11.47
C ILE A 118 -3.05 -10.12 -12.12
N ASP A 119 -2.23 -9.06 -11.96
CA ASP A 119 -0.86 -8.95 -12.40
C ASP A 119 0.03 -8.62 -11.19
N PHE A 120 1.06 -9.44 -10.97
CA PHE A 120 2.06 -9.26 -9.92
C PHE A 120 3.36 -8.76 -10.51
N HIS A 121 3.83 -7.59 -10.06
CA HIS A 121 5.11 -7.06 -10.52
C HIS A 121 6.28 -7.93 -10.05
N SER A 122 6.05 -8.73 -9.02
CA SER A 122 7.04 -9.64 -8.46
C SER A 122 7.24 -10.87 -9.34
N ALA A 123 6.28 -11.15 -10.25
CA ALA A 123 6.27 -12.39 -11.00
C ALA A 123 6.86 -12.23 -12.40
N THR A 124 7.29 -13.37 -12.97
CA THR A 124 7.93 -13.42 -14.28
C THR A 124 7.08 -14.18 -15.29
N GLY A 125 6.68 -13.49 -16.36
CA GLY A 125 5.93 -14.07 -17.47
C GLY A 125 4.47 -13.63 -17.49
N ALA A 126 3.85 -13.81 -18.68
CA ALA A 126 2.42 -13.67 -18.92
C ALA A 126 1.87 -12.36 -18.35
N LEU A 127 2.59 -11.27 -18.63
CA LEU A 127 2.18 -9.94 -18.19
C LEU A 127 1.98 -9.95 -16.67
N GLY A 128 2.88 -10.64 -15.95
CA GLY A 128 2.83 -10.71 -14.50
C GLY A 128 1.73 -11.63 -13.96
N GLY A 129 1.09 -12.40 -14.83
CA GLY A 129 0.02 -13.29 -14.43
C GLY A 129 -1.31 -12.87 -15.05
N GLY A 130 -1.39 -11.62 -15.50
CA GLY A 130 -2.64 -11.10 -16.00
C GLY A 130 -3.19 -11.90 -17.16
N ALA A 131 -2.29 -12.40 -18.03
CA ALA A 131 -2.71 -13.13 -19.23
C ALA A 131 -3.22 -14.53 -18.88
N LEU A 132 -3.10 -14.95 -17.62
CA LEU A 132 -3.52 -16.27 -17.21
C LEU A 132 -4.66 -16.21 -16.20
N THR A 133 -5.15 -15.00 -15.84
CA THR A 133 -6.08 -14.88 -14.73
C THR A 133 -7.35 -14.12 -15.08
N LEU A 134 -7.70 -13.95 -16.36
CA LEU A 134 -8.90 -13.21 -16.68
C LEU A 134 -10.14 -14.05 -16.36
N ILE A 135 -11.04 -13.53 -15.49
CA ILE A 135 -12.21 -14.25 -15.02
C ILE A 135 -13.42 -13.35 -15.08
N ASN A 136 -14.51 -13.91 -15.64
CA ASN A 136 -15.82 -13.27 -15.63
C ASN A 136 -16.50 -13.44 -14.29
N PRO A 137 -17.52 -12.60 -14.00
CA PRO A 137 -18.31 -12.80 -12.80
C PRO A 137 -18.81 -14.25 -12.76
N GLY A 138 -18.60 -14.93 -11.63
CA GLY A 138 -19.02 -16.32 -11.47
C GLY A 138 -17.87 -17.31 -11.56
N GLU A 139 -16.64 -16.82 -11.82
CA GLU A 139 -15.51 -17.71 -12.06
C GLU A 139 -14.37 -17.43 -11.09
N GLN A 140 -13.49 -18.42 -10.95
CA GLN A 140 -12.26 -18.30 -10.22
C GLN A 140 -11.15 -18.97 -10.98
N VAL A 141 -9.90 -18.64 -10.60
CA VAL A 141 -8.71 -19.12 -11.26
C VAL A 141 -7.60 -19.28 -10.22
N VAL A 142 -6.68 -20.21 -10.47
CA VAL A 142 -5.56 -20.39 -9.57
C VAL A 142 -4.24 -20.25 -10.34
N LEU A 143 -3.38 -19.33 -9.86
CA LEU A 143 -2.11 -19.00 -10.47
C LEU A 143 -1.00 -19.28 -9.48
N ARG A 144 0.12 -19.85 -9.95
CA ARG A 144 1.28 -20.01 -9.10
CA ARG A 144 1.30 -20.03 -9.12
C ARG A 144 2.49 -19.33 -9.74
N TRP A 145 3.24 -18.56 -8.94
CA TRP A 145 4.47 -17.97 -9.43
C TRP A 145 5.54 -18.07 -8.37
N LYS A 146 6.79 -18.21 -8.83
CA LYS A 146 7.91 -18.35 -7.94
C LYS A 146 8.50 -16.97 -7.64
N ALA A 147 8.81 -16.75 -6.37
CA ALA A 147 9.25 -15.47 -5.89
C ALA A 147 10.77 -15.37 -6.00
N THR A 148 11.26 -15.05 -7.20
CA THR A 148 12.70 -15.01 -7.44
C THR A 148 13.32 -13.65 -7.11
N LYS A 149 12.54 -12.61 -6.81
CA LYS A 149 13.08 -11.26 -6.67
CA LYS A 149 13.10 -11.27 -6.66
C LYS A 149 12.65 -10.71 -5.31
N THR A 150 13.60 -10.21 -4.50
CA THR A 150 13.28 -9.68 -3.20
C THR A 150 12.86 -8.21 -3.30
N GLY A 151 12.01 -7.80 -2.38
CA GLY A 151 11.57 -6.43 -2.26
C GLY A 151 10.05 -6.35 -2.04
N VAL A 152 9.52 -5.13 -2.13
CA VAL A 152 8.07 -4.91 -2.12
C VAL A 152 7.66 -4.57 -3.56
N PHE A 153 6.50 -5.08 -4.00
CA PHE A 153 6.09 -5.02 -5.39
C PHE A 153 4.61 -4.73 -5.45
N VAL A 154 4.16 -4.00 -6.48
CA VAL A 154 2.74 -3.79 -6.66
C VAL A 154 2.09 -5.01 -7.31
N TYR A 155 0.83 -5.29 -6.94
CA TYR A 155 -0.07 -6.10 -7.76
C TYR A 155 -1.28 -5.26 -8.13
N HIS A 156 -1.85 -5.55 -9.30
CA HIS A 156 -3.04 -4.81 -9.70
C HIS A 156 -3.80 -5.56 -10.80
N CYS A 157 -5.05 -5.16 -10.98
CA CYS A 157 -5.88 -5.69 -12.04
C CYS A 157 -5.44 -5.02 -13.33
N ALA A 158 -5.55 -5.74 -14.45
CA ALA A 158 -5.15 -5.22 -15.73
C ALA A 158 -5.90 -5.93 -16.85
N PRO A 159 -7.22 -5.72 -17.00
CA PRO A 159 -7.99 -6.54 -17.95
C PRO A 159 -7.69 -6.36 -19.44
N GLY A 160 -7.20 -5.18 -19.83
CA GLY A 160 -6.79 -4.93 -21.21
C GLY A 160 -7.22 -3.53 -21.68
N GLY A 161 -6.34 -2.90 -22.46
CA GLY A 161 -6.65 -1.62 -23.06
C GLY A 161 -6.99 -0.53 -22.03
N PRO A 162 -7.96 0.35 -22.37
CA PRO A 162 -8.39 1.44 -21.50
C PRO A 162 -8.94 1.02 -20.14
N MET A 163 -9.33 -0.26 -20.03
CA MET A 163 -9.80 -0.76 -18.75
C MET A 163 -8.67 -0.80 -17.73
N ILE A 164 -7.41 -0.89 -18.19
CA ILE A 164 -6.31 -1.10 -17.26
C ILE A 164 -6.24 0.07 -16.30
N PRO A 165 -6.06 1.33 -16.76
CA PRO A 165 -6.02 2.44 -15.84
C PRO A 165 -7.28 2.54 -15.02
N TRP A 166 -8.44 2.34 -15.65
CA TRP A 166 -9.68 2.53 -14.91
C TRP A 166 -9.80 1.59 -13.71
N HIS A 167 -9.50 0.29 -13.89
CA HIS A 167 -9.59 -0.65 -12.80
C HIS A 167 -8.63 -0.27 -11.67
N VAL A 168 -7.42 0.15 -12.03
CA VAL A 168 -6.39 0.44 -11.06
C VAL A 168 -6.78 1.68 -10.26
N VAL A 169 -7.23 2.76 -10.94
CA VAL A 169 -7.55 3.97 -10.17
C VAL A 169 -8.91 3.85 -9.48
N SER A 170 -9.66 2.77 -9.73
CA SER A 170 -10.89 2.45 -9.03
C SER A 170 -10.59 1.72 -7.72
N GLY A 171 -9.34 1.29 -7.53
CA GLY A 171 -8.90 0.73 -6.26
C GLY A 171 -8.26 -0.65 -6.36
N MET A 172 -8.16 -1.25 -7.56
CA MET A 172 -7.75 -2.63 -7.68
C MET A 172 -6.23 -2.72 -7.74
N ASN A 173 -5.63 -2.55 -6.58
CA ASN A 173 -4.19 -2.65 -6.45
C ASN A 173 -3.85 -2.90 -4.98
N GLY A 174 -2.74 -3.59 -4.75
CA GLY A 174 -2.18 -3.82 -3.44
C GLY A 174 -0.70 -4.08 -3.58
N ALA A 175 -0.11 -4.85 -2.67
CA ALA A 175 1.32 -5.10 -2.78
C ALA A 175 1.71 -6.44 -2.15
N VAL A 176 2.91 -6.91 -2.54
CA VAL A 176 3.49 -8.12 -1.98
CA VAL A 176 3.54 -8.14 -2.07
C VAL A 176 4.90 -7.79 -1.51
N MET A 177 5.32 -8.43 -0.40
CA MET A 177 6.67 -8.28 0.09
C MET A 177 7.36 -9.65 0.09
N VAL A 178 8.52 -9.71 -0.58
CA VAL A 178 9.32 -10.90 -0.69
C VAL A 178 10.59 -10.63 0.07
N LEU A 179 10.75 -11.33 1.19
CA LEU A 179 11.85 -11.06 2.12
C LEU A 179 13.00 -12.00 1.80
N PRO A 180 14.26 -11.60 2.01
CA PRO A 180 15.36 -12.55 1.99
C PRO A 180 15.15 -13.51 3.16
N ARG A 181 15.63 -14.73 3.02
CA ARG A 181 15.50 -15.72 4.08
C ARG A 181 16.31 -15.37 5.31
N ASP A 182 17.37 -14.56 5.17
CA ASP A 182 18.10 -14.08 6.33
C ASP A 182 17.54 -12.76 6.87
N GLY A 183 16.36 -12.31 6.41
CA GLY A 183 15.82 -11.04 6.83
C GLY A 183 16.56 -9.86 6.20
N LEU A 184 16.23 -8.62 6.62
CA LEU A 184 16.79 -7.42 5.99
C LEU A 184 18.18 -7.09 6.56
N ASN A 185 19.01 -6.41 5.75
CA ASN A 185 20.32 -5.94 6.17
C ASN A 185 20.57 -4.53 5.67
N ASP A 186 21.56 -3.84 6.28
CA ASP A 186 21.87 -2.45 5.96
C ASP A 186 22.89 -2.31 4.83
N GLY A 187 23.29 -3.42 4.23
CA GLY A 187 24.29 -3.38 3.18
C GLY A 187 25.72 -3.25 3.71
N LYS A 188 25.89 -3.32 5.04
N LYS A 188 25.88 -2.85 4.97
CA LYS A 188 27.20 -3.41 5.66
CA LYS A 188 27.17 -2.46 5.52
C LYS A 188 27.32 -4.67 6.53
C LYS A 188 27.54 -3.40 6.66
N GLY A 189 26.48 -5.68 6.27
N GLY A 189 26.78 -4.49 6.82
CA GLY A 189 26.58 -6.96 6.95
CA GLY A 189 27.17 -5.62 7.65
C GLY A 189 25.80 -6.99 8.26
C GLY A 189 26.42 -5.67 8.98
N HIS A 190 25.10 -5.89 8.55
N HIS A 190 25.18 -5.15 9.04
CA HIS A 190 24.37 -5.77 9.80
CA HIS A 190 24.30 -5.33 10.20
C HIS A 190 22.90 -5.96 9.55
C HIS A 190 22.89 -5.72 9.76
N ALA A 191 22.28 -6.72 10.45
CA ALA A 191 20.86 -7.02 10.35
C ALA A 191 20.00 -5.81 10.70
N LEU A 192 18.80 -5.75 10.07
N LEU A 192 18.92 -5.63 9.95
CA LEU A 192 17.82 -4.69 10.25
CA LEU A 192 17.86 -4.74 10.35
C LEU A 192 16.45 -5.33 10.54
C LEU A 192 16.68 -5.65 10.66
N LYS A 193 16.08 -5.41 11.82
CA LYS A 193 14.90 -6.11 12.25
C LYS A 193 13.85 -5.07 12.64
N TYR A 194 12.64 -5.23 12.10
CA TYR A 194 11.57 -4.34 12.46
C TYR A 194 10.71 -4.97 13.54
N ASP A 195 10.23 -4.13 14.43
CA ASP A 195 9.32 -4.57 15.50
C ASP A 195 7.87 -4.61 15.02
N LYS A 196 7.53 -3.77 14.03
CA LYS A 196 6.25 -3.88 13.35
C LYS A 196 6.32 -3.27 11.96
N VAL A 197 5.34 -3.65 11.13
CA VAL A 197 5.27 -3.19 9.75
C VAL A 197 3.83 -2.75 9.49
N TYR A 198 3.70 -1.58 8.85
CA TYR A 198 2.43 -1.12 8.33
C TYR A 198 2.50 -0.96 6.81
N TYR A 199 1.35 -1.14 6.16
CA TYR A 199 1.24 -0.97 4.73
C TYR A 199 0.30 0.19 4.44
N VAL A 200 0.85 1.25 3.85
CA VAL A 200 0.12 2.43 3.43
C VAL A 200 -0.01 2.41 1.92
N GLY A 201 -1.22 2.18 1.44
CA GLY A 201 -1.47 2.23 0.01
C GLY A 201 -2.12 3.56 -0.34
N GLU A 202 -1.47 4.30 -1.25
CA GLU A 202 -1.97 5.58 -1.68
C GLU A 202 -2.75 5.41 -2.99
N GLN A 203 -3.90 6.08 -3.08
CA GLN A 203 -4.80 5.93 -4.21
C GLN A 203 -5.17 7.31 -4.76
N ASP A 204 -4.85 7.54 -6.02
CA ASP A 204 -5.28 8.73 -6.78
C ASP A 204 -6.67 8.41 -7.32
N MET A 205 -7.67 9.26 -7.03
CA MET A 205 -9.06 9.03 -7.45
C MET A 205 -9.55 10.19 -8.30
N TYR A 206 -10.43 9.89 -9.26
CA TYR A 206 -10.86 10.86 -10.26
C TYR A 206 -12.39 10.88 -10.19
N VAL A 207 -12.93 11.81 -9.42
CA VAL A 207 -14.36 12.00 -9.30
C VAL A 207 -14.80 13.25 -10.07
N PRO A 208 -15.60 13.09 -11.14
CA PRO A 208 -16.10 14.21 -11.92
C PRO A 208 -17.02 15.13 -11.14
N ARG A 209 -17.13 16.40 -11.55
CA ARG A 209 -18.04 17.37 -10.96
C ARG A 209 -19.15 17.69 -11.97
N ASP A 210 -20.33 18.11 -11.49
CA ASP A 210 -21.44 18.47 -12.38
C ASP A 210 -21.29 19.96 -12.68
N GLU A 211 -22.27 20.57 -13.35
CA GLU A 211 -22.16 21.99 -13.69
C GLU A 211 -22.12 22.86 -12.42
N LYS A 212 -22.87 22.48 -11.38
CA LYS A 212 -22.86 23.21 -10.11
C LYS A 212 -21.45 23.33 -9.51
N GLY A 213 -20.61 22.31 -9.75
CA GLY A 213 -19.31 22.19 -9.10
C GLY A 213 -19.33 21.17 -7.96
N ASN A 214 -20.39 20.37 -7.86
CA ASN A 214 -20.45 19.29 -6.88
C ASN A 214 -20.01 17.97 -7.51
N PHE A 215 -19.50 17.09 -6.66
CA PHE A 215 -19.02 15.79 -7.13
C PHE A 215 -20.23 14.97 -7.53
N LYS A 216 -20.10 14.21 -8.60
CA LYS A 216 -21.20 13.41 -9.11
C LYS A 216 -21.21 12.03 -8.45
N SER A 217 -22.41 11.45 -8.36
CA SER A 217 -22.63 10.10 -7.86
CA SER A 217 -22.61 10.09 -7.86
CA SER A 217 -22.57 10.08 -7.88
C SER A 217 -23.16 9.22 -8.99
N TYR A 218 -22.77 7.96 -9.01
CA TYR A 218 -23.19 7.07 -10.08
C TYR A 218 -23.79 5.79 -9.51
N ASP A 219 -24.61 5.11 -10.31
CA ASP A 219 -25.31 3.93 -9.82
C ASP A 219 -24.47 2.67 -10.01
N SER A 220 -23.48 2.73 -10.88
CA SER A 220 -22.70 1.54 -11.17
C SER A 220 -21.33 2.00 -11.64
N PRO A 221 -20.34 1.11 -11.62
CA PRO A 221 -19.05 1.42 -12.21
C PRO A 221 -19.16 1.75 -13.70
N GLY A 222 -19.97 0.95 -14.44
CA GLY A 222 -20.21 1.16 -15.86
C GLY A 222 -20.65 2.58 -16.18
N GLU A 223 -21.60 3.10 -15.39
CA GLU A 223 -22.16 4.42 -15.63
C GLU A 223 -21.16 5.53 -15.27
N ALA A 224 -20.24 5.23 -14.36
CA ALA A 224 -19.22 6.18 -13.93
C ALA A 224 -18.13 6.31 -15.00
N PHE A 225 -18.02 5.32 -15.89
CA PHE A 225 -16.87 5.14 -16.75
C PHE A 225 -16.66 6.33 -17.68
N THR A 226 -17.68 6.74 -18.44
CA THR A 226 -17.45 7.77 -19.46
C THR A 226 -16.93 9.07 -18.84
N ASP A 227 -17.60 9.58 -17.79
CA ASP A 227 -17.20 10.83 -17.15
C ASP A 227 -15.82 10.70 -16.46
N THR A 228 -15.58 9.52 -15.94
CA THR A 228 -14.36 9.27 -15.16
C THR A 228 -13.16 9.27 -16.13
N GLU A 229 -13.33 8.63 -17.29
CA GLU A 229 -12.26 8.51 -18.26
C GLU A 229 -11.88 9.88 -18.84
N GLU A 230 -12.86 10.74 -19.15
CA GLU A 230 -12.56 12.09 -19.60
C GLU A 230 -11.71 12.84 -18.56
N MET A 231 -12.03 12.67 -17.28
CA MET A 231 -11.28 13.34 -16.23
C MET A 231 -9.87 12.77 -16.07
N MET A 232 -9.79 11.43 -16.12
CA MET A 232 -8.52 10.74 -15.96
CA MET A 232 -8.53 10.71 -15.98
C MET A 232 -7.50 11.24 -16.98
N LYS A 233 -7.95 11.43 -18.23
CA LYS A 233 -7.02 11.75 -19.30
CA LYS A 233 -7.08 11.78 -19.34
C LYS A 233 -6.43 13.15 -19.13
N LYS A 234 -7.02 13.97 -18.24
CA LYS A 234 -6.49 15.27 -17.89
C LYS A 234 -5.46 15.18 -16.76
N LEU A 235 -5.30 14.00 -16.13
CA LEU A 235 -4.19 13.67 -15.23
C LEU A 235 -4.18 14.36 -13.86
N ILE A 236 -5.25 15.03 -13.46
CA ILE A 236 -5.29 15.67 -12.16
C ILE A 236 -6.33 14.97 -11.28
N PRO A 237 -5.93 14.31 -10.17
CA PRO A 237 -6.91 13.67 -9.30
C PRO A 237 -7.70 14.67 -8.50
N SER A 238 -8.92 14.26 -8.16
CA SER A 238 -9.78 15.01 -7.26
C SER A 238 -9.45 14.72 -5.81
N HIS A 239 -8.96 13.50 -5.53
CA HIS A 239 -8.63 13.10 -4.18
C HIS A 239 -7.35 12.26 -4.25
N VAL A 240 -6.56 12.33 -3.20
CA VAL A 240 -5.44 11.41 -3.04
C VAL A 240 -5.47 10.94 -1.59
N VAL A 241 -5.65 9.63 -1.39
CA VAL A 241 -6.03 9.16 -0.06
C VAL A 241 -5.17 7.96 0.33
N PHE A 242 -4.97 7.79 1.63
CA PHE A 242 -4.36 6.57 2.14
C PHE A 242 -5.43 5.66 2.71
N ASN A 243 -5.32 4.35 2.45
CA ASN A 243 -6.25 3.38 2.98
C ASN A 243 -7.69 3.72 2.58
N GLY A 244 -7.88 4.37 1.44
CA GLY A 244 -9.17 4.41 0.75
C GLY A 244 -10.10 5.58 1.08
N LYS A 245 -9.73 6.44 2.04
CA LYS A 245 -10.61 7.52 2.49
CA LYS A 245 -10.59 7.56 2.37
C LYS A 245 -9.81 8.62 3.15
N VAL A 246 -10.27 9.86 3.03
CA VAL A 246 -9.70 10.96 3.79
C VAL A 246 -9.85 10.62 5.28
N GLY A 247 -8.75 10.77 6.03
CA GLY A 247 -8.79 10.56 7.48
C GLY A 247 -8.82 9.10 7.89
N ALA A 248 -8.52 8.17 6.97
CA ALA A 248 -8.66 6.77 7.33
C ALA A 248 -7.64 6.38 8.40
N LEU A 249 -6.41 6.91 8.34
N LEU A 249 -6.45 7.00 8.39
CA LEU A 249 -5.38 6.52 9.29
CA LEU A 249 -5.38 6.68 9.32
C LEU A 249 -5.14 7.65 10.30
C LEU A 249 -5.13 7.84 10.28
N THR A 250 -6.22 8.06 10.97
N THR A 250 -6.13 8.69 10.48
CA THR A 250 -6.18 9.12 11.97
CA THR A 250 -6.10 9.65 11.57
C THR A 250 -7.17 8.77 13.07
C THR A 250 -7.18 9.24 12.58
N GLY A 251 -7.15 9.61 14.12
N GLY A 251 -6.99 9.56 13.87
CA GLY A 251 -7.97 9.45 15.31
CA GLY A 251 -7.99 9.32 14.90
C GLY A 251 -7.81 8.07 15.91
C GLY A 251 -7.80 8.01 15.66
N LYS A 252 -8.91 7.34 15.98
CA LYS A 252 -8.90 6.01 16.58
C LYS A 252 -8.07 5.07 15.70
N ASN A 253 -7.95 5.40 14.39
CA ASN A 253 -7.25 4.52 13.46
C ASN A 253 -5.85 5.06 13.14
N ALA A 254 -5.32 5.99 13.94
CA ALA A 254 -3.91 6.33 13.86
C ALA A 254 -3.02 5.10 13.97
N LEU A 255 -1.90 5.14 13.26
CA LEU A 255 -0.82 4.17 13.44
C LEU A 255 -0.20 4.41 14.83
N THR A 256 0.36 3.38 15.47
CA THR A 256 0.95 3.58 16.81
C THR A 256 2.36 3.03 16.89
N ALA A 257 3.11 3.58 17.84
CA ALA A 257 4.43 3.09 18.18
C ALA A 257 4.83 3.61 19.55
N ASN A 258 5.97 3.10 20.05
CA ASN A 258 6.59 3.59 21.26
C ASN A 258 8.01 4.02 20.91
N VAL A 259 8.48 5.00 21.65
CA VAL A 259 9.88 5.37 21.61
C VAL A 259 10.70 4.10 21.76
N GLY A 260 11.68 3.96 20.85
CA GLY A 260 12.55 2.80 20.84
C GLY A 260 12.14 1.72 19.84
N GLU A 261 10.90 1.77 19.33
CA GLU A 261 10.43 0.82 18.33
C GLU A 261 10.91 1.15 16.91
N ASN A 262 11.35 0.10 16.20
CA ASN A 262 11.72 0.19 14.80
CA ASN A 262 11.73 0.15 14.79
C ASN A 262 10.52 -0.23 13.94
N VAL A 263 9.99 0.71 13.16
CA VAL A 263 8.79 0.48 12.39
C VAL A 263 9.13 0.52 10.89
N LEU A 264 8.64 -0.48 10.14
CA LEU A 264 8.78 -0.54 8.69
C LEU A 264 7.48 -0.03 8.10
N ILE A 265 7.57 0.98 7.22
CA ILE A 265 6.40 1.46 6.49
C ILE A 265 6.60 1.12 5.01
N VAL A 266 5.70 0.27 4.52
CA VAL A 266 5.64 -0.09 3.14
C VAL A 266 4.62 0.84 2.48
N HIS A 267 5.04 1.49 1.38
CA HIS A 267 4.19 2.46 0.73
C HIS A 267 4.07 2.06 -0.76
N SER A 268 2.85 1.95 -1.29
CA SER A 268 2.68 1.68 -2.72
C SER A 268 1.85 2.76 -3.41
N GLN A 269 2.10 2.93 -4.70
CA GLN A 269 1.29 3.79 -5.56
C GLN A 269 1.31 3.11 -6.92
N ALA A 270 0.16 2.63 -7.38
CA ALA A 270 0.11 1.84 -8.62
C ALA A 270 0.04 2.68 -9.91
N ASN A 271 -0.12 4.00 -9.82
CA ASN A 271 -0.38 4.80 -11.01
C ASN A 271 0.35 6.15 -11.08
N ARG A 272 0.73 6.73 -9.94
CA ARG A 272 1.14 8.12 -9.87
C ARG A 272 2.20 8.23 -8.78
N ASP A 273 3.17 9.12 -9.00
CA ASP A 273 4.26 9.30 -8.06
C ASP A 273 3.76 9.80 -6.69
N SER A 274 4.52 9.46 -5.63
CA SER A 274 4.30 10.00 -4.28
C SER A 274 5.64 10.30 -3.63
N ARG A 275 5.65 11.20 -2.63
CA ARG A 275 6.88 11.58 -1.95
C ARG A 275 6.64 11.53 -0.44
N PRO A 276 6.65 10.34 0.14
CA PRO A 276 6.44 10.17 1.57
C PRO A 276 7.43 10.90 2.46
N HIS A 277 6.93 11.33 3.61
CA HIS A 277 7.66 12.11 4.59
C HIS A 277 6.99 11.85 5.93
N LEU A 278 7.78 11.55 6.97
CA LEU A 278 7.30 11.40 8.33
C LEU A 278 7.61 12.69 9.07
N ILE A 279 6.60 13.51 9.34
CA ILE A 279 6.80 14.84 9.93
C ILE A 279 7.24 14.67 11.38
N GLY A 280 8.44 15.17 11.72
CA GLY A 280 9.03 15.03 13.03
C GLY A 280 10.01 13.87 13.11
N GLY A 281 10.09 13.06 12.05
CA GLY A 281 11.04 11.96 11.99
C GLY A 281 11.83 11.96 10.69
N HIS A 282 12.32 10.77 10.34
CA HIS A 282 13.22 10.57 9.22
C HIS A 282 12.97 9.16 8.69
N GLY A 283 13.56 8.88 7.53
CA GLY A 283 13.75 7.52 7.07
C GLY A 283 15.17 7.08 7.41
N ASP A 284 15.32 6.34 8.51
CA ASP A 284 16.62 5.88 8.94
C ASP A 284 17.27 4.99 7.87
N TYR A 285 16.49 4.06 7.30
CA TYR A 285 16.91 3.15 6.24
C TYR A 285 15.77 3.11 5.23
N VAL A 286 16.06 3.44 3.98
CA VAL A 286 15.02 3.60 2.97
C VAL A 286 15.44 2.89 1.68
N TRP A 287 14.52 2.04 1.19
CA TRP A 287 14.62 1.44 -0.13
C TRP A 287 13.56 2.08 -1.02
N GLU A 288 13.85 3.19 -1.67
CA GLU A 288 12.76 3.99 -2.23
C GLU A 288 12.26 3.32 -3.51
N THR A 289 13.16 2.62 -4.21
CA THR A 289 12.78 1.76 -5.33
C THR A 289 12.25 0.41 -4.88
N GLY A 290 12.42 0.11 -3.59
CA GLY A 290 11.69 -0.95 -2.93
C GLY A 290 12.28 -2.34 -3.09
N LYS A 291 13.58 -2.47 -3.43
CA LYS A 291 14.13 -3.77 -3.78
C LYS A 291 15.36 -4.10 -2.92
N PHE A 292 15.28 -5.21 -2.18
CA PHE A 292 16.21 -5.49 -1.10
C PHE A 292 17.56 -6.04 -1.56
N GLY A 293 17.73 -6.35 -2.86
CA GLY A 293 19.05 -6.61 -3.42
C GLY A 293 19.93 -5.36 -3.44
N ASN A 294 19.33 -4.18 -3.23
CA ASN A 294 20.05 -2.91 -3.16
C ASN A 294 20.12 -2.47 -1.70
N ALA A 295 21.28 -1.95 -1.29
CA ALA A 295 21.43 -1.42 0.04
C ALA A 295 20.47 -0.25 0.22
N PRO A 296 19.94 -0.04 1.43
CA PRO A 296 19.08 1.12 1.68
C PRO A 296 19.90 2.39 1.73
N GLU A 297 19.27 3.52 1.47
CA GLU A 297 19.85 4.83 1.73
CA GLU A 297 19.89 4.81 1.74
C GLU A 297 19.58 5.18 3.19
N VAL A 298 20.37 6.08 3.80
CA VAL A 298 20.21 6.41 5.21
C VAL A 298 19.89 7.90 5.44
N GLY A 299 19.08 8.15 6.47
CA GLY A 299 18.86 9.47 7.03
C GLY A 299 18.07 10.41 6.12
N LEU A 300 17.06 9.88 5.41
CA LEU A 300 16.31 10.71 4.46
C LEU A 300 15.25 11.54 5.19
N GLU A 301 14.93 12.71 4.61
CA GLU A 301 13.82 13.52 5.03
C GLU A 301 12.55 13.11 4.29
N THR A 302 12.66 13.04 2.96
CA THR A 302 11.55 12.71 2.07
C THR A 302 12.06 11.71 1.04
N TRP A 303 11.24 10.70 0.69
CA TRP A 303 11.65 9.75 -0.32
C TRP A 303 10.61 9.72 -1.44
N PHE A 304 10.88 8.99 -2.50
CA PHE A 304 10.09 9.06 -3.72
C PHE A 304 9.65 7.65 -4.09
N ILE A 305 8.32 7.49 -4.21
CA ILE A 305 7.72 6.26 -4.69
C ILE A 305 7.26 6.51 -6.13
N ARG A 306 7.90 5.83 -7.09
CA ARG A 306 7.53 5.92 -8.49
C ARG A 306 6.14 5.30 -8.74
N GLY A 307 5.31 6.00 -9.53
CA GLY A 307 4.04 5.40 -9.91
C GLY A 307 4.29 4.03 -10.51
N GLY A 308 3.55 3.03 -10.07
CA GLY A 308 3.75 1.64 -10.48
C GLY A 308 4.75 0.87 -9.63
N SER A 309 4.97 1.31 -8.41
CA SER A 309 5.95 0.67 -7.56
C SER A 309 5.56 0.80 -6.09
N ALA A 310 6.30 0.03 -5.31
CA ALA A 310 6.26 0.15 -3.86
C ALA A 310 7.68 0.34 -3.35
N GLY A 311 7.77 1.04 -2.23
CA GLY A 311 9.00 1.23 -1.50
C GLY A 311 8.78 1.00 -0.01
N ALA A 312 9.88 1.07 0.74
CA ALA A 312 9.87 0.71 2.15
C ALA A 312 10.88 1.57 2.88
N ALA A 313 10.46 2.08 4.06
CA ALA A 313 11.31 2.89 4.93
C ALA A 313 11.15 2.40 6.37
N MET A 314 12.26 2.37 7.09
CA MET A 314 12.18 2.04 8.50
CA MET A 314 12.29 1.99 8.50
C MET A 314 12.75 3.18 9.33
N TYR A 315 12.12 3.40 10.48
CA TYR A 315 12.48 4.44 11.41
C TYR A 315 12.32 3.93 12.85
N LYS A 316 13.30 4.26 13.67
CA LYS A 316 13.21 4.03 15.11
CA LYS A 316 13.22 4.04 15.11
C LYS A 316 12.78 5.34 15.80
N PHE A 317 11.60 5.33 16.41
CA PHE A 317 11.10 6.49 17.11
C PHE A 317 11.97 6.87 18.30
N MET A 318 12.22 8.19 18.39
CA MET A 318 13.08 8.76 19.41
C MET A 318 12.29 9.67 20.33
N GLN A 319 11.13 10.17 19.87
CA GLN A 319 10.33 11.09 20.65
C GLN A 319 8.87 10.63 20.64
N PRO A 320 8.13 10.85 21.75
CA PRO A 320 6.69 10.66 21.77
C PRO A 320 5.93 11.80 21.10
N GLY A 321 4.62 11.61 20.99
CA GLY A 321 3.69 12.61 20.49
C GLY A 321 3.10 12.20 19.13
N ILE A 322 2.52 13.19 18.47
CA ILE A 322 1.88 12.97 17.19
CA ILE A 322 1.87 13.01 17.19
C ILE A 322 2.89 13.23 16.09
N TYR A 323 2.93 12.32 15.12
CA TYR A 323 3.62 12.50 13.86
C TYR A 323 2.57 12.40 12.77
N ALA A 324 2.78 13.14 11.69
CA ALA A 324 2.00 13.00 10.48
C ALA A 324 2.89 12.37 9.40
N TYR A 325 2.31 11.43 8.67
CA TYR A 325 2.95 10.78 7.56
C TYR A 325 2.18 11.23 6.33
N VAL A 326 2.87 11.86 5.40
CA VAL A 326 2.22 12.58 4.33
C VAL A 326 2.96 12.32 3.03
N THR A 327 2.30 12.66 1.91
CA THR A 327 3.06 12.93 0.70
C THR A 327 3.42 14.41 0.79
N HIS A 328 4.68 14.74 0.44
CA HIS A 328 5.12 16.11 0.66
C HIS A 328 4.89 16.97 -0.59
N ASN A 329 3.88 16.67 -1.39
CA ASN A 329 3.13 17.75 -2.00
C ASN A 329 2.04 18.12 -1.00
N LEU A 330 2.22 19.23 -0.32
CA LEU A 330 1.39 19.54 0.82
C LEU A 330 -0.03 19.89 0.42
N ILE A 331 -0.22 20.32 -0.82
CA ILE A 331 -1.60 20.51 -1.27
C ILE A 331 -2.36 19.17 -1.28
N GLU A 332 -1.71 18.14 -1.82
CA GLU A 332 -2.29 16.81 -1.80
C GLU A 332 -2.48 16.32 -0.37
N ALA A 333 -1.48 16.53 0.49
CA ALA A 333 -1.57 16.05 1.87
C ALA A 333 -2.70 16.74 2.63
N ALA A 334 -2.79 18.06 2.54
CA ALA A 334 -3.67 18.77 3.46
C ALA A 334 -5.06 18.98 2.85
N ASP A 335 -5.16 19.07 1.51
CA ASP A 335 -6.40 19.44 0.85
C ASP A 335 -7.01 18.28 0.06
N LEU A 336 -6.23 17.29 -0.40
CA LEU A 336 -6.80 16.25 -1.23
C LEU A 336 -6.94 14.91 -0.50
N GLY A 337 -6.36 14.77 0.72
CA GLY A 337 -6.61 13.61 1.55
C GLY A 337 -5.40 12.82 2.04
N ALA A 338 -4.15 13.19 1.65
CA ALA A 338 -3.01 12.26 1.79
C ALA A 338 -2.20 12.51 3.07
N THR A 339 -2.84 12.27 4.22
CA THR A 339 -2.25 12.46 5.54
C THR A 339 -2.70 11.30 6.44
N ALA A 340 -1.73 10.66 7.10
CA ALA A 340 -1.97 9.71 8.18
C ALA A 340 -1.29 10.22 9.44
N HIS A 341 -1.69 9.67 10.60
CA HIS A 341 -1.07 10.01 11.87
C HIS A 341 -0.46 8.79 12.53
N PHE A 342 0.64 9.04 13.25
CA PHE A 342 1.11 8.15 14.29
C PHE A 342 0.98 8.83 15.65
N LYS A 343 0.55 8.05 16.64
CA LYS A 343 0.59 8.42 18.04
CA LYS A 343 0.59 8.43 18.04
C LYS A 343 1.68 7.57 18.70
N VAL A 344 2.70 8.23 19.26
CA VAL A 344 3.84 7.53 19.82
C VAL A 344 3.89 7.82 21.33
N GLU A 345 4.04 6.74 22.11
CA GLU A 345 4.13 6.82 23.57
C GLU A 345 5.60 6.76 24.00
N GLY A 346 5.88 7.37 25.14
CA GLY A 346 7.20 7.31 25.73
C GLY A 346 7.60 8.65 26.33
N LYS A 347 8.88 8.75 26.66
CA LYS A 347 9.43 9.90 27.37
C LYS A 347 10.04 10.91 26.39
N TRP A 348 9.71 12.19 26.59
CA TRP A 348 10.26 13.28 25.80
C TRP A 348 11.76 13.45 26.06
N ASN A 349 12.53 13.62 24.99
CA ASN A 349 13.97 13.79 25.06
C ASN A 349 14.34 15.25 24.82
N ASP A 350 14.69 15.97 25.91
CA ASP A 350 14.97 17.40 25.80
C ASP A 350 16.34 17.68 25.17
N ASP A 351 17.23 16.68 25.14
CA ASP A 351 18.50 16.87 24.47
C ASP A 351 18.29 17.00 22.94
N LEU A 352 17.35 16.25 22.38
CA LEU A 352 17.09 16.29 20.94
C LEU A 352 16.36 17.57 20.56
N MET A 353 15.42 18.02 21.41
CA MET A 353 14.64 19.20 21.10
C MET A 353 14.02 19.77 22.38
N THR A 354 14.03 21.09 22.50
CA THR A 354 13.41 21.73 23.64
C THR A 354 12.96 23.14 23.23
N GLN A 355 11.80 23.51 23.77
CA GLN A 355 11.34 24.88 23.77
C GLN A 355 12.11 25.62 24.85
N VAL A 356 13.10 26.39 24.42
CA VAL A 356 13.93 27.18 25.32
C VAL A 356 13.10 28.28 25.97
N LYS A 357 12.31 29.02 25.18
CA LYS A 357 11.41 30.02 25.73
C LYS A 357 10.07 29.93 25.01
N ALA A 358 9.00 29.84 25.79
CA ALA A 358 7.65 29.73 25.27
C ALA A 358 7.24 31.02 24.61
N PRO A 359 6.21 31.01 23.72
CA PRO A 359 5.66 32.22 23.12
C PRO A 359 5.49 33.34 24.14
N ALA A 360 6.01 34.50 23.78
CA ALA A 360 5.99 35.67 24.65
C ALA A 360 6.05 36.92 23.77
N GLU A 361 5.65 38.06 24.34
CA GLU A 361 5.60 39.32 23.63
C GLU A 361 7.04 39.70 23.27
N ILE A 362 7.20 40.36 22.13
CA ILE A 362 8.50 40.78 21.64
C ILE A 362 9.03 41.88 22.57
N PRO A 363 10.26 41.77 23.12
CA PRO A 363 10.82 42.81 24.00
C PRO A 363 10.76 44.21 23.42
C1 GLC B . 24.32 -8.28 1.79
C2 GLC B . 25.13 -9.56 1.99
C3 GLC B . 24.92 -10.56 0.87
C4 GLC B . 23.45 -10.74 0.62
C5 GLC B . 22.90 -9.41 0.14
C6 GLC B . 21.44 -9.46 -0.17
O2 GLC B . 26.50 -9.21 2.08
O3 GLC B . 25.51 -11.80 1.19
O4 GLC B . 23.24 -11.74 -0.37
O5 GLC B . 23.03 -8.45 1.20
O6 GLC B . 20.73 -9.67 1.07
H2 GLC B . 24.84 -9.96 2.84
H3 GLC B . 25.35 -10.21 0.04
H4 GLC B . 23.00 -11.01 1.46
H5 GLC B . 23.40 -9.10 -0.65
H61 GLC B . 21.25 -10.19 -0.79
H62 GLC B . 21.15 -8.62 -0.59
HO2 GLC B . 26.92 -9.83 2.48
HO3 GLC B . 25.57 -12.41 0.74
HO4 GLC B . 23.70 -11.45 -1.02
HO6 GLC B . 20.97 -9.12 1.70
C1 FRU B . 26.67 -6.11 0.91
C2 FRU B . 25.36 -6.35 0.18
C3 FRU B . 25.37 -5.96 -1.31
C4 FRU B . 23.89 -5.66 -1.56
C5 FRU B . 23.44 -5.03 -0.23
C6 FRU B . 22.02 -5.33 0.21
O1 FRU B . 27.05 -4.74 0.72
O2 FRU B . 25.04 -7.72 0.22
O3 FRU B . 25.90 -6.94 -2.18
O4 FRU B . 23.70 -4.86 -2.72
O5 FRU B . 24.36 -5.53 0.77
O6 FRU B . 21.64 -4.69 1.45
H11 FRU B . 27.37 -6.71 0.56
H12 FRU B . 26.55 -6.29 1.88
H3 FRU B . 25.88 -5.12 -1.42
H4 FRU B . 23.41 -6.52 -1.68
H5 FRU B . 23.55 -4.04 -0.29
H61 FRU B . 21.91 -6.30 0.29
H62 FRU B . 21.40 -5.03 -0.50
HO1 FRU B . 27.79 -4.47 0.98
HO3 FRU B . 25.89 -6.69 -2.97
HO4 FRU B . 22.88 -4.72 -2.77
HO6 FRU B . 20.82 -4.89 1.58
CU CU C . -10.51 -5.28 -12.34
CU CU D . 1.76 -2.76 -13.39
N NO2 E . -24.17 17.66 -15.15
O1 NO2 E . -24.55 18.62 -14.42
O2 NO2 E . -23.13 17.45 -15.82
N NO2 F . -19.24 -3.01 3.64
O1 NO2 F . -18.78 -3.17 4.81
O2 NO2 F . -19.53 -3.80 2.71
S SO4 G . -1.69 -0.79 16.39
O1 SO4 G . -1.98 0.04 15.24
O2 SO4 G . -2.79 -1.69 16.66
O3 SO4 G . -0.49 -1.57 16.15
O4 SO4 G . -1.52 0.05 17.54
S SO4 H . -9.27 -8.22 9.27
O1 SO4 H . -9.00 -8.42 7.88
O2 SO4 H . -10.52 -7.54 9.40
O3 SO4 H . -8.21 -7.45 9.86
O4 SO4 H . -9.35 -9.49 9.94
S SO4 I . -7.40 -27.20 -15.29
O1 SO4 I . -7.55 -27.88 -16.55
O2 SO4 I . -8.61 -26.46 -15.00
O3 SO4 I . -6.30 -26.29 -15.38
O4 SO4 I . -7.16 -28.14 -14.23
S SO4 J . 1.37 -29.42 -9.43
O1 SO4 J . 1.92 -28.89 -10.65
O2 SO4 J . 0.45 -28.47 -8.86
O3 SO4 J . 2.45 -29.67 -8.50
O4 SO4 J . 0.67 -30.64 -9.71
#